data_6D2P
#
_entry.id   6D2P
#
_cell.length_a   134.300
_cell.length_b   66.636
_cell.length_c   76.518
_cell.angle_alpha   90.00
_cell.angle_beta   90.00
_cell.angle_gamma   90.00
#
_symmetry.space_group_name_H-M   'P 21 21 2'
#
loop_
_entity.id
_entity.type
_entity.pdbx_description
1 polymer 'Germline-targeting HIV-1 gp120 engineered outer domain eOD-GT8'
2 polymer 'IOMAclass naive CLK31 Fab heavy chain'
3 polymer 'IOMAclass naive CLK31 Fab light chain'
4 non-polymer GLYCEROL
5 water water
#
loop_
_entity_poly.entity_id
_entity_poly.type
_entity_poly.pdbx_seq_one_letter_code
_entity_poly.pdbx_strand_id
1 'polypeptide(L)'
;TGDTITLPCRPAPPPHCSSNITGLILTRQGGYSNANTVIFRPSGGDWRDIARCQIAGTVVSTQLFLNGSLAEEEVVIRSE
DWRDNAKSICVQLATSVEIACTGAGHCAISRAKWANTLKQIASKLREQYGAKTIIFKPSSGGDPEFVNHSFNCGGEFFYC
ASTQLFASTWFASTGTKHHHHHH
;
C
2 'polypeptide(L)'
;QVQLVQSGAEVKKPGASVKVSCKASGYTFTGYYMHWVRQAPGQGLEWMGWINPNSGGTNYAQKFQGRVTMTRDTSISTAY
MELSRLRSDDTAVYYCARSLGRDWFDPWGQGTLVTVSSASTKGPSVFPLAPSSKSTSGGTAALGCLVKDYFPEPVTVSWN
SGALTSGVHTFPAVLQSSGLYSLSSVVTVPSSSLGTQTYICNVNHKPSNTKVDKKVEPKSC
;
H
3 'polypeptide(L)'
;QSALTQPASVSGSPGQSITISCTGTSSDVGSYNLVSWYQQHPGKAPKLMIYEGSKRPSGVSNRFSGSKSGNTASLTISGL
QAEDEADYYCCSYAGSVVFGGGTKLTVLGQPKAAPSVTLFPPSSEELQANKATLVCLISDFYPGAVTVAWKADSSPVKAG
VETTTPSKQSNNKYAASSYLSLTPEQWKSHRSYSCQVTHEGSTVEKTVAPTECS
;
L
#
# COMPACT_ATOMS: atom_id res chain seq x y z
N ASP A 3 -2.92 -14.29 -44.91
CA ASP A 3 -2.08 -13.53 -44.01
C ASP A 3 -1.47 -14.42 -42.94
N THR A 4 -0.26 -14.09 -42.52
CA THR A 4 0.42 -14.85 -41.48
C THR A 4 0.96 -13.92 -40.40
N ILE A 5 1.27 -14.49 -39.24
CA ILE A 5 1.88 -13.75 -38.15
C ILE A 5 3.38 -14.00 -38.12
N THR A 6 4.16 -12.94 -38.31
CA THR A 6 5.60 -13.06 -38.37
C THR A 6 6.26 -12.66 -37.05
N LEU A 7 7.30 -13.42 -36.68
CA LEU A 7 8.02 -13.16 -35.43
C LEU A 7 9.46 -12.72 -35.68
N PRO A 8 9.84 -11.53 -35.20
CA PRO A 8 11.21 -11.04 -35.29
C PRO A 8 12.17 -11.90 -34.46
N CYS A 9 13.00 -12.70 -35.12
CA CYS A 9 13.93 -13.57 -34.41
C CYS A 9 15.37 -13.07 -34.50
N ARG A 10 16.20 -13.51 -33.57
CA ARG A 10 17.59 -13.09 -33.52
C ARG A 10 18.43 -14.07 -32.68
N PRO A 11 19.40 -14.73 -33.32
CA PRO A 11 19.76 -14.62 -34.74
C PRO A 11 18.77 -15.34 -35.65
N ALA A 12 18.99 -15.26 -36.97
CA ALA A 12 18.04 -15.82 -37.93
C ALA A 12 18.06 -17.33 -37.95
N PRO A 13 16.93 -17.96 -37.62
CA PRO A 13 16.82 -19.43 -37.62
C PRO A 13 16.69 -20.00 -39.03
N PRO A 14 17.47 -21.05 -39.33
CA PRO A 14 17.39 -21.74 -40.61
C PRO A 14 16.02 -22.36 -40.83
N PRO A 15 15.61 -22.53 -42.10
CA PRO A 15 14.32 -23.14 -42.45
C PRO A 15 14.11 -24.52 -41.81
N HIS A 16 15.19 -25.25 -41.57
CA HIS A 16 15.07 -26.59 -41.00
C HIS A 16 14.80 -26.54 -39.49
N CYS A 17 14.80 -25.33 -38.94
CA CYS A 17 14.49 -25.15 -37.52
C CYS A 17 13.02 -24.82 -37.33
N SER A 18 12.25 -24.98 -38.40
CA SER A 18 10.81 -24.79 -38.33
C SER A 18 10.20 -25.95 -37.54
N SER A 19 9.25 -25.63 -36.67
CA SER A 19 8.67 -26.63 -35.79
C SER A 19 7.15 -26.61 -35.82
N ASN A 20 6.56 -27.52 -35.06
CA ASN A 20 5.12 -27.53 -34.81
C ASN A 20 4.83 -27.12 -33.37
N ILE A 21 4.13 -26.01 -33.21
CA ILE A 21 3.71 -25.57 -31.87
C ILE A 21 2.70 -26.56 -31.30
N THR A 22 3.12 -27.27 -30.25
CA THR A 22 2.28 -28.30 -29.65
C THR A 22 1.70 -27.86 -28.30
N GLY A 23 1.95 -26.61 -27.94
CA GLY A 23 1.44 -26.08 -26.68
C GLY A 23 2.11 -24.78 -26.27
N LEU A 24 1.68 -24.23 -25.15
CA LEU A 24 2.27 -23.01 -24.62
C LEU A 24 2.01 -22.88 -23.11
N ILE A 25 2.59 -21.87 -22.49
CA ILE A 25 2.44 -21.66 -21.06
C ILE A 25 2.10 -20.20 -20.78
N LEU A 26 1.10 -19.99 -19.92
CA LEU A 26 0.57 -18.64 -19.68
C LEU A 26 0.59 -18.24 -18.22
N THR A 27 0.41 -16.95 -17.99
CA THR A 27 0.25 -16.40 -16.65
C THR A 27 -0.97 -15.48 -16.65
N ARG A 28 -1.89 -15.71 -15.71
CA ARG A 28 -3.06 -14.87 -15.58
C ARG A 28 -2.72 -13.59 -14.81
N GLN A 29 -3.06 -12.45 -15.38
CA GLN A 29 -2.70 -11.17 -14.77
C GLN A 29 -3.50 -10.93 -13.50
N GLY A 30 -2.83 -10.41 -12.48
CA GLY A 30 -3.46 -10.11 -11.21
C GLY A 30 -4.27 -8.83 -11.25
N GLY A 31 -4.61 -8.30 -10.08
CA GLY A 31 -5.43 -7.11 -10.00
C GLY A 31 -6.86 -7.38 -10.41
N TYR A 32 -7.70 -6.35 -10.39
CA TYR A 32 -9.10 -6.51 -10.75
C TYR A 32 -9.49 -5.57 -11.88
N SER A 33 -10.55 -5.91 -12.60
CA SER A 33 -11.05 -5.08 -13.69
C SER A 33 -12.57 -5.01 -13.65
N ASN A 34 -13.11 -3.81 -13.85
CA ASN A 34 -14.55 -3.60 -13.84
C ASN A 34 -15.16 -3.85 -15.22
N ALA A 35 -14.42 -4.53 -16.08
CA ALA A 35 -14.86 -4.81 -17.43
C ALA A 35 -15.20 -6.29 -17.61
N ASN A 36 -15.12 -7.05 -16.52
CA ASN A 36 -15.39 -8.49 -16.54
C ASN A 36 -14.51 -9.19 -17.57
N THR A 37 -13.20 -9.00 -17.44
CA THR A 37 -12.25 -9.59 -18.38
C THR A 37 -11.13 -10.31 -17.66
N VAL A 38 -10.66 -11.40 -18.24
CA VAL A 38 -9.51 -12.12 -17.70
C VAL A 38 -8.38 -12.08 -18.71
N ILE A 39 -7.24 -11.53 -18.27
CA ILE A 39 -6.10 -11.31 -19.16
C ILE A 39 -5.03 -12.39 -18.97
N PHE A 40 -4.52 -12.90 -20.08
CA PHE A 40 -3.46 -13.91 -20.04
C PHE A 40 -2.26 -13.46 -20.87
N ARG A 41 -1.07 -13.67 -20.31
CA ARG A 41 0.18 -13.30 -20.97
C ARG A 41 1.11 -14.51 -21.00
N PRO A 42 2.19 -14.44 -21.81
CA PRO A 42 3.23 -15.46 -21.73
C PRO A 42 3.75 -15.60 -20.31
N SER A 43 4.02 -16.83 -19.86
CA SER A 43 4.35 -17.09 -18.46
C SER A 43 5.50 -16.26 -17.93
N GLY A 44 5.33 -15.75 -16.71
CA GLY A 44 6.39 -15.03 -16.02
C GLY A 44 7.16 -15.95 -15.08
N GLY A 45 7.15 -17.24 -15.40
CA GLY A 45 7.79 -18.25 -14.56
C GLY A 45 9.15 -18.70 -15.07
N ASP A 46 9.63 -19.82 -14.53
CA ASP A 46 10.97 -20.33 -14.85
C ASP A 46 10.92 -21.55 -15.77
N TRP A 47 12.06 -22.24 -15.87
CA TRP A 47 12.10 -23.54 -16.51
C TRP A 47 11.33 -24.55 -15.65
N ARG A 48 11.23 -24.26 -14.37
CA ARG A 48 10.46 -25.09 -13.44
C ARG A 48 9.00 -25.16 -13.88
N ASP A 49 8.43 -24.00 -14.16
CA ASP A 49 7.05 -23.93 -14.64
C ASP A 49 6.89 -24.72 -15.93
N ILE A 50 7.89 -24.62 -16.80
CA ILE A 50 7.86 -25.31 -18.08
C ILE A 50 8.01 -26.82 -17.90
N ALA A 51 8.89 -27.22 -16.99
CA ALA A 51 9.15 -28.63 -16.75
C ALA A 51 7.94 -29.35 -16.17
N ARG A 52 7.26 -28.70 -15.23
CA ARG A 52 6.12 -29.31 -14.56
C ARG A 52 4.92 -29.47 -15.48
N CYS A 53 4.97 -28.87 -16.66
CA CYS A 53 3.93 -29.04 -17.66
C CYS A 53 3.98 -30.46 -18.26
N GLN A 54 5.20 -30.99 -18.37
CA GLN A 54 5.44 -32.33 -18.90
C GLN A 54 4.76 -32.60 -20.24
N ILE A 55 4.83 -31.62 -21.14
CA ILE A 55 4.28 -31.80 -22.49
C ILE A 55 5.33 -31.44 -23.53
N ALA A 56 6.58 -31.42 -23.13
CA ALA A 56 7.67 -31.06 -24.02
C ALA A 56 8.38 -32.28 -24.59
N GLY A 57 8.98 -32.12 -25.77
CA GLY A 57 9.73 -33.20 -26.38
C GLY A 57 11.21 -33.04 -26.13
N THR A 58 11.98 -32.99 -27.22
CA THR A 58 13.42 -32.85 -27.13
C THR A 58 13.87 -31.44 -27.53
N VAL A 59 12.93 -30.50 -27.48
CA VAL A 59 13.21 -29.12 -27.87
C VAL A 59 13.16 -28.20 -26.67
N VAL A 60 14.31 -27.61 -26.34
CA VAL A 60 14.40 -26.66 -25.24
C VAL A 60 13.83 -25.32 -25.68
N SER A 61 12.62 -25.00 -25.22
CA SER A 61 11.98 -23.75 -25.57
C SER A 61 11.30 -23.13 -24.35
N THR A 62 10.90 -21.88 -24.45
CA THR A 62 10.37 -21.17 -23.29
C THR A 62 8.85 -21.08 -23.25
N GLN A 63 8.27 -20.12 -23.94
CA GLN A 63 6.85 -19.84 -23.77
C GLN A 63 5.97 -20.63 -24.74
N LEU A 64 6.58 -21.22 -25.76
CA LEU A 64 5.88 -22.10 -26.68
C LEU A 64 6.54 -23.48 -26.72
N PHE A 65 5.74 -24.54 -26.63
CA PHE A 65 6.27 -25.89 -26.70
C PHE A 65 6.42 -26.35 -28.15
N LEU A 66 7.65 -26.63 -28.55
CA LEU A 66 7.94 -27.04 -29.93
C LEU A 66 8.12 -28.55 -30.03
N ASN A 67 7.41 -29.16 -30.97
CA ASN A 67 7.48 -30.60 -31.22
C ASN A 67 7.30 -31.44 -29.96
N GLY A 68 6.29 -31.09 -29.15
CA GLY A 68 6.02 -31.78 -27.90
C GLY A 68 4.82 -32.69 -27.95
N SER A 69 4.20 -32.92 -26.79
CA SER A 69 3.04 -33.80 -26.71
C SER A 69 1.75 -33.09 -27.15
N LEU A 70 0.93 -33.78 -27.92
CA LEU A 70 -0.37 -33.25 -28.33
C LEU A 70 -1.50 -34.01 -27.64
N ALA A 71 -2.55 -33.31 -27.24
CA ALA A 71 -3.72 -33.95 -26.66
C ALA A 71 -4.49 -34.70 -27.73
N GLU A 72 -5.18 -35.77 -27.34
CA GLU A 72 -5.85 -36.65 -28.29
C GLU A 72 -7.28 -36.24 -28.60
N GLU A 73 -7.90 -35.47 -27.71
CA GLU A 73 -9.28 -35.06 -27.90
C GLU A 73 -9.43 -33.56 -28.13
N GLU A 74 -9.35 -32.79 -27.04
CA GLU A 74 -9.47 -31.35 -27.12
C GLU A 74 -8.27 -30.67 -26.47
N VAL A 75 -8.20 -29.35 -26.59
CA VAL A 75 -7.15 -28.59 -25.93
C VAL A 75 -7.31 -28.73 -24.43
N VAL A 76 -6.25 -29.15 -23.75
CA VAL A 76 -6.32 -29.35 -22.30
C VAL A 76 -5.46 -28.31 -21.57
N ILE A 77 -6.07 -27.67 -20.58
CA ILE A 77 -5.37 -26.70 -19.75
C ILE A 77 -5.22 -27.21 -18.32
N ARG A 78 -4.08 -26.92 -17.71
CA ARG A 78 -3.77 -27.42 -16.37
C ARG A 78 -3.08 -26.37 -15.50
N SER A 79 -3.21 -26.52 -14.18
CA SER A 79 -2.57 -25.62 -13.22
C SER A 79 -2.59 -26.23 -11.82
N GLU A 80 -1.53 -25.97 -11.05
CA GLU A 80 -1.46 -26.42 -9.67
C GLU A 80 -2.53 -25.75 -8.83
N ASP A 81 -2.90 -24.54 -9.24
CA ASP A 81 -3.90 -23.74 -8.53
C ASP A 81 -4.44 -22.63 -9.44
N TRP A 82 -5.69 -22.77 -9.85
CA TRP A 82 -6.31 -21.84 -10.79
C TRP A 82 -6.49 -20.45 -10.18
N ARG A 83 -6.59 -20.40 -8.86
CA ARG A 83 -6.84 -19.14 -8.15
C ARG A 83 -5.55 -18.42 -7.77
N ASP A 84 -4.44 -19.14 -7.83
CA ASP A 84 -3.13 -18.55 -7.59
C ASP A 84 -2.54 -18.02 -8.89
N ASN A 85 -2.39 -16.71 -9.00
CA ASN A 85 -1.86 -16.10 -10.22
C ASN A 85 -0.34 -16.20 -10.28
N ALA A 86 0.26 -16.80 -9.26
CA ALA A 86 1.70 -17.01 -9.24
C ALA A 86 2.03 -18.39 -9.81
N LYS A 87 1.00 -19.17 -10.08
CA LYS A 87 1.16 -20.46 -10.72
C LYS A 87 0.82 -20.36 -12.20
N SER A 88 1.74 -20.80 -13.06
CA SER A 88 1.53 -20.72 -14.50
C SER A 88 0.46 -21.72 -14.95
N ILE A 89 -0.05 -21.50 -16.16
CA ILE A 89 -1.08 -22.37 -16.72
C ILE A 89 -0.56 -23.13 -17.93
N CYS A 90 -0.54 -24.45 -17.81
N CYS A 90 -0.52 -24.45 -17.79
CA CYS A 90 -0.02 -25.29 -18.89
CA CYS A 90 -0.09 -25.34 -18.87
C CYS A 90 -1.08 -25.59 -19.95
C CYS A 90 -1.16 -25.47 -19.94
N VAL A 91 -0.81 -25.15 -21.18
CA VAL A 91 -1.74 -25.32 -22.30
C VAL A 91 -1.20 -26.30 -23.34
N GLN A 92 -1.84 -27.47 -23.44
CA GLN A 92 -1.46 -28.47 -24.43
C GLN A 92 -2.46 -28.48 -25.59
N LEU A 93 -1.96 -28.31 -26.81
CA LEU A 93 -2.83 -28.26 -27.98
C LEU A 93 -3.30 -29.64 -28.41
N ALA A 94 -4.42 -29.68 -29.13
CA ALA A 94 -4.92 -30.92 -29.71
C ALA A 94 -4.42 -31.04 -31.15
N THR A 95 -4.31 -29.90 -31.82
CA THR A 95 -3.78 -29.87 -33.17
C THR A 95 -2.61 -28.89 -33.25
N SER A 96 -1.47 -29.38 -33.71
CA SER A 96 -0.26 -28.57 -33.78
C SER A 96 -0.38 -27.48 -34.85
N VAL A 97 0.32 -26.38 -34.63
CA VAL A 97 0.32 -25.27 -35.57
C VAL A 97 1.73 -25.02 -36.11
N GLU A 98 1.87 -25.07 -37.43
CA GLU A 98 3.16 -24.88 -38.09
C GLU A 98 3.72 -23.48 -37.89
N ILE A 99 5.00 -23.42 -37.53
CA ILE A 99 5.74 -22.16 -37.52
C ILE A 99 6.98 -22.31 -38.40
N ALA A 100 7.00 -21.58 -39.51
CA ALA A 100 8.08 -21.74 -40.49
C ALA A 100 9.04 -20.56 -40.45
N CYS A 101 10.34 -20.88 -40.37
CA CYS A 101 11.36 -19.85 -40.34
C CYS A 101 11.91 -19.61 -41.74
N THR A 102 11.80 -18.36 -42.21
CA THR A 102 12.24 -18.00 -43.55
C THR A 102 13.75 -18.06 -43.69
N GLY A 103 14.46 -17.76 -42.61
CA GLY A 103 15.90 -17.82 -42.61
C GLY A 103 16.53 -16.45 -42.66
N ALA A 104 15.71 -15.42 -42.83
CA ALA A 104 16.21 -14.06 -42.96
C ALA A 104 15.91 -13.24 -41.71
N GLY A 105 15.48 -13.91 -40.65
CA GLY A 105 15.26 -13.25 -39.37
C GLY A 105 13.82 -13.27 -38.89
N HIS A 106 12.95 -13.94 -39.64
CA HIS A 106 11.54 -14.02 -39.29
C HIS A 106 11.00 -15.44 -39.36
N CYS A 107 10.20 -15.80 -38.37
CA CYS A 107 9.49 -17.07 -38.38
C CYS A 107 7.99 -16.79 -38.43
N ALA A 108 7.32 -17.32 -39.44
CA ALA A 108 5.93 -16.98 -39.70
C ALA A 108 4.95 -18.07 -39.25
N ILE A 109 3.81 -17.62 -38.72
CA ILE A 109 2.75 -18.51 -38.27
C ILE A 109 1.44 -18.10 -38.94
N SER A 110 0.65 -19.08 -39.37
CA SER A 110 -0.64 -18.82 -40.00
C SER A 110 -1.57 -18.06 -39.06
N ARG A 111 -2.07 -16.91 -39.53
CA ARG A 111 -2.93 -16.06 -38.70
C ARG A 111 -4.26 -16.73 -38.41
N ALA A 112 -4.82 -17.40 -39.40
CA ALA A 112 -6.11 -18.08 -39.24
C ALA A 112 -6.00 -19.25 -38.24
N LYS A 113 -5.01 -20.12 -38.46
CA LYS A 113 -4.85 -21.29 -37.60
C LYS A 113 -4.54 -20.91 -36.15
N TRP A 114 -3.79 -19.84 -35.97
CA TRP A 114 -3.43 -19.38 -34.64
C TRP A 114 -4.62 -18.73 -33.95
N ALA A 115 -5.43 -18.03 -34.72
CA ALA A 115 -6.64 -17.41 -34.19
C ALA A 115 -7.62 -18.48 -33.72
N ASN A 116 -7.81 -19.51 -34.55
CA ASN A 116 -8.66 -20.63 -34.18
C ASN A 116 -8.12 -21.34 -32.94
N THR A 117 -6.80 -21.42 -32.83
CA THR A 117 -6.16 -22.06 -31.69
C THR A 117 -6.42 -21.28 -30.40
N LEU A 118 -6.25 -19.96 -30.46
CA LEU A 118 -6.49 -19.09 -29.32
C LEU A 118 -7.94 -19.17 -28.86
N LYS A 119 -8.85 -19.30 -29.82
CA LYS A 119 -10.27 -19.42 -29.54
C LYS A 119 -10.57 -20.70 -28.75
N GLN A 120 -9.88 -21.78 -29.11
CA GLN A 120 -10.05 -23.06 -28.41
C GLN A 120 -9.46 -22.97 -27.00
N ILE A 121 -8.39 -22.18 -26.88
CA ILE A 121 -7.77 -21.96 -25.58
C ILE A 121 -8.68 -21.11 -24.70
N ALA A 122 -9.14 -19.99 -25.25
CA ALA A 122 -10.02 -19.08 -24.52
C ALA A 122 -11.30 -19.79 -24.08
N SER A 123 -11.83 -20.63 -24.96
CA SER A 123 -13.04 -21.39 -24.65
C SER A 123 -12.83 -22.28 -23.43
N LYS A 124 -11.71 -23.00 -23.42
CA LYS A 124 -11.37 -23.85 -22.29
C LYS A 124 -11.10 -23.03 -21.03
N LEU A 125 -10.57 -21.83 -21.21
CA LEU A 125 -10.32 -20.93 -20.10
C LEU A 125 -11.63 -20.44 -19.48
N ARG A 126 -12.66 -20.31 -20.30
CA ARG A 126 -13.97 -19.90 -19.82
C ARG A 126 -14.58 -20.97 -18.92
N GLU A 127 -14.21 -22.23 -19.15
CA GLU A 127 -14.70 -23.34 -18.34
C GLU A 127 -14.24 -23.19 -16.90
N GLN A 128 -13.08 -22.58 -16.71
CA GLN A 128 -12.46 -22.48 -15.39
C GLN A 128 -12.76 -21.13 -14.73
N TYR A 129 -12.76 -20.07 -15.52
CA TYR A 129 -12.93 -18.72 -14.97
C TYR A 129 -14.29 -18.10 -15.27
N GLY A 130 -15.18 -18.86 -15.91
CA GLY A 130 -16.55 -18.40 -16.14
C GLY A 130 -16.77 -17.68 -17.45
N ALA A 131 -18.01 -17.23 -17.66
CA ALA A 131 -18.37 -16.54 -18.89
C ALA A 131 -17.86 -15.11 -18.90
N LYS A 132 -16.56 -14.96 -19.10
CA LYS A 132 -15.95 -13.64 -19.15
C LYS A 132 -15.19 -13.44 -20.45
N THR A 133 -14.74 -12.22 -20.69
CA THR A 133 -13.98 -11.90 -21.88
C THR A 133 -12.51 -12.28 -21.69
N ILE A 134 -12.01 -13.16 -22.57
CA ILE A 134 -10.61 -13.58 -22.50
C ILE A 134 -9.75 -12.70 -23.38
N ILE A 135 -8.70 -12.13 -22.80
CA ILE A 135 -7.78 -11.25 -23.53
C ILE A 135 -6.34 -11.73 -23.43
N PHE A 136 -5.67 -11.80 -24.58
CA PHE A 136 -4.26 -12.16 -24.61
C PHE A 136 -3.41 -10.94 -24.88
N LYS A 137 -2.44 -10.71 -24.01
CA LYS A 137 -1.54 -9.56 -24.14
C LYS A 137 -0.09 -10.03 -24.17
N PRO A 138 0.81 -9.20 -24.70
CA PRO A 138 2.23 -9.57 -24.73
C PRO A 138 2.81 -9.79 -23.34
N SER A 139 4.02 -10.36 -23.29
CA SER A 139 4.68 -10.62 -22.01
C SER A 139 4.82 -9.36 -21.17
N SER A 140 4.77 -9.55 -19.86
CA SER A 140 4.93 -8.45 -18.92
C SER A 140 6.39 -7.99 -18.92
N GLY A 141 7.28 -8.86 -19.39
CA GLY A 141 8.69 -8.56 -19.46
C GLY A 141 9.52 -9.68 -18.85
N GLY A 142 10.82 -9.45 -18.73
CA GLY A 142 11.71 -10.42 -18.12
C GLY A 142 13.03 -10.55 -18.85
N ASP A 143 13.84 -11.51 -18.42
CA ASP A 143 15.13 -11.79 -19.04
C ASP A 143 14.92 -12.26 -20.48
N PRO A 144 15.89 -11.97 -21.36
CA PRO A 144 15.82 -12.24 -22.80
C PRO A 144 15.25 -13.60 -23.17
N GLU A 145 15.60 -14.64 -22.43
CA GLU A 145 15.12 -15.99 -22.74
C GLU A 145 13.62 -16.12 -22.60
N PHE A 146 13.06 -15.41 -21.62
CA PHE A 146 11.66 -15.63 -21.25
C PHE A 146 10.72 -14.54 -21.78
N VAL A 147 11.23 -13.33 -21.94
CA VAL A 147 10.41 -12.26 -22.49
C VAL A 147 10.17 -12.55 -23.98
N ASN A 148 11.11 -13.22 -24.62
CA ASN A 148 10.94 -13.69 -25.98
C ASN A 148 10.62 -15.18 -26.03
N HIS A 149 10.04 -15.62 -27.15
CA HIS A 149 9.95 -17.04 -27.41
C HIS A 149 11.32 -17.53 -27.85
N SER A 150 12.03 -18.20 -26.94
CA SER A 150 13.38 -18.65 -27.21
C SER A 150 13.44 -20.17 -27.32
N PHE A 151 14.31 -20.66 -28.20
CA PHE A 151 14.44 -22.10 -28.39
C PHE A 151 15.81 -22.51 -28.92
N ASN A 152 16.15 -23.79 -28.76
CA ASN A 152 17.40 -24.33 -29.26
C ASN A 152 17.19 -25.16 -30.52
N CYS A 153 18.07 -24.97 -31.51
CA CYS A 153 17.99 -25.74 -32.74
C CYS A 153 19.34 -25.77 -33.43
N GLY A 154 19.86 -26.97 -33.66
CA GLY A 154 21.14 -27.14 -34.35
C GLY A 154 22.29 -26.48 -33.63
N GLY A 155 22.35 -26.68 -32.31
CA GLY A 155 23.43 -26.13 -31.51
C GLY A 155 23.45 -24.62 -31.51
N GLU A 156 22.27 -24.02 -31.46
CA GLU A 156 22.16 -22.56 -31.48
C GLU A 156 20.87 -22.13 -30.79
N PHE A 157 20.95 -21.01 -30.10
CA PHE A 157 19.81 -20.52 -29.33
C PHE A 157 19.27 -19.23 -29.94
N PHE A 158 17.99 -19.26 -30.30
CA PHE A 158 17.36 -18.12 -30.97
C PHE A 158 16.36 -17.40 -30.07
N TYR A 159 16.20 -16.11 -30.31
CA TYR A 159 15.26 -15.29 -29.54
C TYR A 159 14.22 -14.67 -30.47
N CYS A 160 12.97 -15.07 -30.32
CA CYS A 160 11.89 -14.55 -31.16
C CYS A 160 10.85 -13.77 -30.36
N ALA A 161 10.64 -12.51 -30.74
CA ALA A 161 9.61 -11.68 -30.11
C ALA A 161 8.22 -12.20 -30.46
N SER A 162 7.36 -12.28 -29.45
CA SER A 162 6.03 -12.87 -29.64
C SER A 162 4.92 -11.88 -29.36
N THR A 163 5.17 -10.60 -29.65
CA THR A 163 4.19 -9.55 -29.45
C THR A 163 2.93 -9.81 -30.28
N GLN A 164 3.12 -10.23 -31.53
CA GLN A 164 2.01 -10.39 -32.47
C GLN A 164 1.19 -11.65 -32.21
N LEU A 165 1.75 -12.58 -31.43
CA LEU A 165 1.06 -13.82 -31.10
C LEU A 165 0.02 -13.62 -30.01
N PHE A 166 0.30 -12.70 -29.09
CA PHE A 166 -0.58 -12.46 -27.96
C PHE A 166 -1.16 -11.05 -27.99
N ALA A 167 -2.18 -10.86 -28.82
CA ALA A 167 -2.84 -9.57 -28.93
C ALA A 167 -4.24 -9.77 -29.50
N SER A 168 -5.07 -10.50 -28.76
CA SER A 168 -6.39 -10.86 -29.24
C SER A 168 -7.42 -10.80 -28.13
N THR A 169 -8.66 -10.50 -28.50
CA THR A 169 -9.76 -10.43 -27.56
C THR A 169 -10.87 -11.40 -27.97
N TRP A 170 -11.37 -12.18 -27.02
CA TRP A 170 -12.39 -13.17 -27.30
C TRP A 170 -13.52 -13.12 -26.28
N PHE A 171 -14.75 -12.96 -26.78
CA PHE A 171 -15.92 -12.93 -25.90
C PHE A 171 -16.39 -14.34 -25.56
N GLN B 1 19.90 -14.57 9.63
CA GLN B 1 18.51 -14.16 9.78
C GLN B 1 17.97 -13.56 8.48
N VAL B 2 16.74 -13.94 8.13
CA VAL B 2 16.10 -13.44 6.92
C VAL B 2 15.64 -11.99 7.08
N GLN B 3 16.07 -11.13 6.16
CA GLN B 3 15.84 -9.70 6.32
C GLN B 3 15.68 -8.98 4.98
N LEU B 4 14.74 -8.05 4.93
CA LEU B 4 14.57 -7.18 3.77
C LEU B 4 14.76 -5.72 4.17
N VAL B 5 15.72 -5.05 3.54
CA VAL B 5 16.01 -3.66 3.84
C VAL B 5 15.77 -2.77 2.62
N GLN B 6 14.95 -1.74 2.79
CA GLN B 6 14.56 -0.88 1.68
C GLN B 6 15.27 0.47 1.71
N SER B 7 15.20 1.19 0.61
CA SER B 7 15.86 2.49 0.49
C SER B 7 15.13 3.59 1.26
N GLY B 8 15.69 4.79 1.24
CA GLY B 8 15.20 5.89 2.04
C GLY B 8 13.98 6.61 1.50
N ALA B 9 13.35 7.40 2.35
CA ALA B 9 12.15 8.15 2.00
C ALA B 9 12.40 9.14 0.88
N GLU B 10 11.38 9.38 0.06
CA GLU B 10 11.53 10.30 -1.07
C GLU B 10 10.34 11.24 -1.23
N VAL B 11 10.63 12.45 -1.69
CA VAL B 11 9.59 13.42 -2.02
C VAL B 11 9.61 13.68 -3.53
N LYS B 12 8.43 13.67 -4.14
CA LYS B 12 8.34 13.78 -5.60
C LYS B 12 7.26 14.73 -6.08
N LYS B 13 7.45 15.26 -7.29
CA LYS B 13 6.46 16.05 -8.00
C LYS B 13 5.58 15.15 -8.85
N PRO B 14 4.32 15.55 -9.09
CA PRO B 14 3.45 14.79 -9.99
C PRO B 14 4.01 14.75 -11.41
N GLY B 15 3.92 13.58 -12.06
CA GLY B 15 4.42 13.42 -13.40
C GLY B 15 5.80 12.80 -13.42
N ALA B 16 6.50 12.92 -12.29
CA ALA B 16 7.83 12.35 -12.17
C ALA B 16 7.75 10.85 -11.89
N SER B 17 8.91 10.25 -11.66
CA SER B 17 8.97 8.82 -11.36
C SER B 17 9.81 8.56 -10.12
N VAL B 18 9.66 7.38 -9.53
CA VAL B 18 10.40 7.03 -8.34
C VAL B 18 10.85 5.57 -8.40
N LYS B 19 12.07 5.30 -7.96
CA LYS B 19 12.58 3.94 -7.96
C LYS B 19 13.03 3.51 -6.57
N VAL B 20 12.34 2.52 -6.01
CA VAL B 20 12.65 2.01 -4.68
C VAL B 20 13.36 0.68 -4.80
N SER B 21 14.34 0.43 -3.93
CA SER B 21 15.08 -0.83 -3.94
C SER B 21 14.85 -1.62 -2.65
N CYS B 22 14.93 -2.95 -2.76
CA CYS B 22 14.69 -3.84 -1.63
C CYS B 22 15.79 -4.86 -1.52
N LYS B 23 16.62 -4.72 -0.48
CA LYS B 23 17.79 -5.57 -0.28
C LYS B 23 17.45 -6.81 0.54
N ALA B 24 17.76 -7.98 -0.01
CA ALA B 24 17.46 -9.25 0.67
C ALA B 24 18.70 -9.84 1.33
N SER B 25 18.49 -10.52 2.46
CA SER B 25 19.58 -11.14 3.21
C SER B 25 19.07 -12.31 4.04
N GLY B 26 19.92 -13.31 4.25
CA GLY B 26 19.58 -14.43 5.11
C GLY B 26 18.96 -15.60 4.36
N TYR B 27 18.81 -15.46 3.06
CA TYR B 27 18.25 -16.52 2.24
C TYR B 27 18.67 -16.35 0.78
N THR B 28 18.51 -17.40 -0.01
CA THR B 28 18.82 -17.34 -1.43
C THR B 28 17.78 -16.52 -2.17
N PHE B 29 18.24 -15.45 -2.81
CA PHE B 29 17.37 -14.47 -3.44
C PHE B 29 16.44 -15.06 -4.50
N THR B 30 16.93 -16.05 -5.24
CA THR B 30 16.16 -16.61 -6.34
C THR B 30 15.14 -17.65 -5.90
N GLY B 31 15.20 -18.04 -4.63
CA GLY B 31 14.35 -19.09 -4.12
C GLY B 31 12.89 -18.72 -3.90
N TYR B 32 12.58 -17.42 -3.92
CA TYR B 32 11.24 -16.96 -3.60
C TYR B 32 10.82 -15.76 -4.46
N TYR B 33 9.53 -15.72 -4.81
CA TYR B 33 9.00 -14.55 -5.50
C TYR B 33 9.03 -13.34 -4.60
N MET B 34 9.11 -12.15 -5.19
CA MET B 34 9.09 -10.91 -4.43
C MET B 34 7.86 -10.10 -4.80
N HIS B 35 7.05 -9.78 -3.79
CA HIS B 35 5.84 -8.99 -4.03
C HIS B 35 5.98 -7.56 -3.52
N TRP B 36 5.21 -6.65 -4.10
CA TRP B 36 5.22 -5.26 -3.65
C TRP B 36 3.82 -4.84 -3.22
N VAL B 37 3.72 -4.26 -2.02
CA VAL B 37 2.45 -3.81 -1.48
C VAL B 37 2.60 -2.40 -0.92
N ARG B 38 1.70 -1.50 -1.30
CA ARG B 38 1.77 -0.12 -0.84
C ARG B 38 0.64 0.19 0.15
N GLN B 39 0.86 1.19 0.98
CA GLN B 39 -0.12 1.57 1.99
C GLN B 39 -0.21 3.09 2.13
N ALA B 40 -1.32 3.65 1.69
CA ALA B 40 -1.56 5.09 1.82
C ALA B 40 -1.62 5.45 3.30
N PRO B 41 -1.16 6.66 3.66
CA PRO B 41 -1.16 7.14 5.04
C PRO B 41 -2.55 7.06 5.69
N GLY B 42 -2.67 6.20 6.70
CA GLY B 42 -3.93 6.02 7.41
C GLY B 42 -4.90 5.11 6.68
N GLN B 43 -4.41 4.38 5.69
CA GLN B 43 -5.25 3.48 4.91
C GLN B 43 -4.74 2.04 4.96
N GLY B 44 -5.31 1.20 4.09
CA GLY B 44 -5.00 -0.22 4.09
C GLY B 44 -3.90 -0.61 3.12
N LEU B 45 -3.70 -1.91 2.96
CA LEU B 45 -2.65 -2.45 2.12
C LEU B 45 -3.16 -2.76 0.71
N GLU B 46 -2.36 -2.44 -0.29
CA GLU B 46 -2.76 -2.67 -1.68
C GLU B 46 -1.65 -3.37 -2.47
N TRP B 47 -1.99 -4.53 -3.03
CA TRP B 47 -1.06 -5.34 -3.81
C TRP B 47 -0.72 -4.69 -5.16
N MET B 48 0.52 -4.81 -5.59
CA MET B 48 0.96 -4.16 -6.82
C MET B 48 1.48 -5.13 -7.87
N GLY B 49 2.17 -6.17 -7.44
CA GLY B 49 2.70 -7.14 -8.37
C GLY B 49 3.78 -8.04 -7.77
N TRP B 50 4.12 -9.10 -8.48
CA TRP B 50 5.22 -9.97 -8.07
C TRP B 50 6.24 -10.12 -9.19
N ILE B 51 7.46 -10.50 -8.82
CA ILE B 51 8.51 -10.69 -9.79
C ILE B 51 9.24 -12.01 -9.56
N ASN B 52 9.52 -12.71 -10.66
CA ASN B 52 10.28 -13.95 -10.58
C ASN B 52 11.78 -13.66 -10.67
N PRO B 53 12.50 -13.90 -9.57
CA PRO B 53 13.93 -13.58 -9.46
C PRO B 53 14.81 -14.45 -10.35
N ASN B 54 14.25 -15.51 -10.92
CA ASN B 54 15.01 -16.40 -11.79
C ASN B 54 14.85 -16.07 -13.27
N SER B 55 13.66 -15.58 -13.65
CA SER B 55 13.38 -15.30 -15.05
C SER B 55 13.20 -13.81 -15.33
N GLY B 56 13.08 -13.03 -14.27
CA GLY B 56 12.84 -11.60 -14.41
C GLY B 56 11.38 -11.32 -14.75
N GLY B 57 10.59 -12.38 -14.90
CA GLY B 57 9.20 -12.26 -15.24
C GLY B 57 8.40 -11.57 -14.15
N THR B 58 7.40 -10.79 -14.55
CA THR B 58 6.58 -10.07 -13.60
C THR B 58 5.10 -10.26 -13.86
N ASN B 59 4.29 -9.80 -12.92
CA ASN B 59 2.84 -9.77 -13.08
C ASN B 59 2.26 -8.64 -12.24
N TYR B 60 1.99 -7.52 -12.91
CA TYR B 60 1.48 -6.33 -12.23
C TYR B 60 -0.03 -6.35 -12.12
N ALA B 61 -0.55 -5.71 -11.07
CA ALA B 61 -1.99 -5.49 -10.98
C ALA B 61 -2.42 -4.58 -12.11
N GLN B 62 -3.58 -4.86 -12.71
CA GLN B 62 -4.08 -4.10 -13.85
C GLN B 62 -4.16 -2.60 -13.58
N LYS B 63 -4.32 -2.25 -12.31
CA LYS B 63 -4.40 -0.86 -11.88
C LYS B 63 -3.11 -0.11 -12.19
N PHE B 64 -1.99 -0.82 -12.21
CA PHE B 64 -0.68 -0.19 -12.41
C PHE B 64 -0.01 -0.61 -13.72
N GLN B 65 -0.67 -1.45 -14.50
CA GLN B 65 -0.14 -1.90 -15.78
C GLN B 65 0.17 -0.72 -16.69
N GLY B 66 1.46 -0.52 -16.99
CA GLY B 66 1.88 0.57 -17.85
C GLY B 66 2.60 1.67 -17.09
N ARG B 67 2.53 1.62 -15.76
CA ARG B 67 3.17 2.61 -14.91
C ARG B 67 4.22 2.01 -13.98
N VAL B 68 4.10 0.71 -13.68
CA VAL B 68 5.10 0.05 -12.83
C VAL B 68 6.06 -0.81 -13.63
N THR B 69 7.30 -0.84 -13.16
CA THR B 69 8.30 -1.74 -13.70
C THR B 69 9.12 -2.32 -12.57
N MET B 70 9.06 -3.64 -12.41
CA MET B 70 9.74 -4.31 -11.32
C MET B 70 10.93 -5.11 -11.84
N THR B 71 12.11 -4.82 -11.30
CA THR B 71 13.33 -5.49 -11.73
C THR B 71 14.10 -6.03 -10.53
N ARG B 72 15.22 -6.70 -10.80
CA ARG B 72 16.04 -7.25 -9.74
C ARG B 72 17.51 -7.31 -10.13
N ASP B 73 18.38 -7.36 -9.12
CA ASP B 73 19.81 -7.52 -9.32
C ASP B 73 20.29 -8.63 -8.39
N THR B 74 20.35 -9.84 -8.93
CA THR B 74 20.66 -11.03 -8.13
C THR B 74 22.07 -11.00 -7.55
N SER B 75 22.96 -10.25 -8.19
CA SER B 75 24.33 -10.12 -7.72
C SER B 75 24.37 -9.49 -6.34
N ILE B 76 23.51 -8.50 -6.13
CA ILE B 76 23.45 -7.81 -4.84
C ILE B 76 22.14 -8.12 -4.11
N SER B 77 21.44 -9.16 -4.56
CA SER B 77 20.19 -9.62 -3.94
C SER B 77 19.20 -8.48 -3.72
N THR B 78 18.99 -7.67 -4.74
CA THR B 78 18.13 -6.50 -4.58
C THR B 78 17.00 -6.49 -5.60
N ALA B 79 15.79 -6.25 -5.13
CA ALA B 79 14.63 -6.07 -6.01
C ALA B 79 14.29 -4.59 -6.13
N TYR B 80 13.91 -4.15 -7.32
CA TYR B 80 13.60 -2.75 -7.55
C TYR B 80 12.15 -2.56 -7.97
N MET B 81 11.57 -1.44 -7.55
CA MET B 81 10.22 -1.07 -7.90
C MET B 81 10.20 0.37 -8.42
N GLU B 82 9.80 0.54 -9.67
CA GLU B 82 9.72 1.87 -10.24
C GLU B 82 8.30 2.21 -10.69
N LEU B 83 7.80 3.34 -10.20
CA LEU B 83 6.47 3.81 -10.55
C LEU B 83 6.59 5.18 -11.19
N SER B 84 6.10 5.30 -12.43
CA SER B 84 6.24 6.54 -13.18
C SER B 84 4.91 7.29 -13.29
N ARG B 85 4.99 8.52 -13.78
CA ARG B 85 3.84 9.41 -13.91
C ARG B 85 3.07 9.50 -12.60
N LEU B 86 3.80 9.79 -11.53
CA LEU B 86 3.25 9.83 -10.19
C LEU B 86 2.13 10.86 -10.05
N ARG B 87 1.20 10.58 -9.15
CA ARG B 87 0.14 11.52 -8.81
C ARG B 87 0.02 11.61 -7.29
N SER B 88 -0.79 12.54 -6.82
CA SER B 88 -0.93 12.79 -5.39
C SER B 88 -1.38 11.54 -4.61
N ASP B 89 -2.26 10.75 -5.22
CA ASP B 89 -2.80 9.57 -4.54
C ASP B 89 -1.85 8.37 -4.64
N ASP B 90 -0.64 8.60 -5.15
CA ASP B 90 0.40 7.58 -5.12
C ASP B 90 1.22 7.71 -3.85
N THR B 91 0.95 8.78 -3.09
CA THR B 91 1.57 8.96 -1.78
C THR B 91 1.23 7.80 -0.87
N ALA B 92 2.24 7.02 -0.50
CA ALA B 92 2.05 5.85 0.34
C ALA B 92 3.38 5.31 0.85
N VAL B 93 3.30 4.34 1.76
CA VAL B 93 4.48 3.59 2.17
C VAL B 93 4.55 2.31 1.36
N TYR B 94 5.65 2.12 0.63
CA TYR B 94 5.78 0.97 -0.24
C TYR B 94 6.57 -0.15 0.42
N TYR B 95 5.96 -1.32 0.52
CA TYR B 95 6.62 -2.48 1.12
C TYR B 95 7.05 -3.50 0.07
N CYS B 96 8.15 -4.18 0.35
CA CYS B 96 8.53 -5.37 -0.40
C CYS B 96 8.36 -6.59 0.51
N ALA B 97 7.88 -7.69 -0.05
CA ALA B 97 7.62 -8.88 0.77
C ALA B 97 8.05 -10.16 0.06
N ARG B 98 8.60 -11.08 0.84
CA ARG B 98 8.98 -12.39 0.34
C ARG B 98 7.75 -13.30 0.34
N SER B 99 7.41 -13.83 -0.85
CA SER B 99 6.16 -14.55 -1.05
C SER B 99 6.00 -15.75 -0.13
N LEU B 100 6.93 -16.71 -0.21
CA LEU B 100 6.92 -17.88 0.66
C LEU B 100 5.63 -18.69 0.49
N GLY B 101 5.03 -18.59 -0.68
CA GLY B 101 3.78 -19.29 -0.95
C GLY B 101 2.75 -18.43 -1.68
N ARG B 102 1.49 -18.57 -1.30
CA ARG B 102 0.40 -17.88 -1.99
C ARG B 102 0.21 -16.47 -1.46
N ASP B 103 -0.35 -16.36 -0.26
CA ASP B 103 -0.47 -15.07 0.41
C ASP B 103 0.26 -15.11 1.74
N TRP B 104 1.38 -15.83 1.77
CA TRP B 104 2.13 -16.02 3.01
C TRP B 104 3.36 -15.13 3.04
N PHE B 105 3.14 -13.83 2.93
CA PHE B 105 4.22 -12.85 2.87
C PHE B 105 5.03 -12.76 4.16
N ASP B 106 6.26 -13.25 4.12
CA ASP B 106 7.17 -13.13 5.26
C ASP B 106 8.62 -13.36 4.85
N PRO B 107 9.51 -12.43 5.23
CA PRO B 107 9.21 -11.22 5.99
C PRO B 107 8.90 -10.03 5.09
N TRP B 108 8.59 -8.89 5.70
CA TRP B 108 8.36 -7.65 4.96
C TRP B 108 9.56 -6.73 5.10
N GLY B 109 9.72 -5.82 4.15
CA GLY B 109 10.71 -4.77 4.28
C GLY B 109 10.24 -3.77 5.32
N GLN B 110 11.11 -2.84 5.72
CA GLN B 110 10.72 -1.84 6.70
C GLN B 110 9.79 -0.80 6.07
N GLY B 111 9.80 -0.72 4.75
CA GLY B 111 8.93 0.18 4.02
C GLY B 111 9.61 1.47 3.60
N THR B 112 9.16 2.04 2.49
CA THR B 112 9.72 3.28 1.98
C THR B 112 8.63 4.30 1.71
N LEU B 113 8.77 5.49 2.30
CA LEU B 113 7.77 6.53 2.15
C LEU B 113 8.02 7.36 0.89
N VAL B 114 7.05 7.33 -0.02
CA VAL B 114 7.12 8.15 -1.22
C VAL B 114 6.03 9.21 -1.20
N THR B 115 6.43 10.45 -0.94
CA THR B 115 5.48 11.57 -0.88
C THR B 115 5.41 12.30 -2.22
N VAL B 116 4.28 12.21 -2.88
CA VAL B 116 4.07 12.90 -4.15
C VAL B 116 3.24 14.15 -3.93
N SER B 117 3.86 15.30 -4.14
CA SER B 117 3.19 16.58 -3.92
C SER B 117 3.71 17.66 -4.86
N SER B 118 2.83 18.55 -5.30
CA SER B 118 3.22 19.65 -6.16
C SER B 118 3.78 20.82 -5.36
N ALA B 119 3.74 20.68 -4.03
CA ALA B 119 4.25 21.71 -3.13
C ALA B 119 5.77 21.70 -3.08
N SER B 120 6.37 22.89 -3.00
CA SER B 120 7.82 23.01 -2.91
C SER B 120 8.26 23.21 -1.46
N THR B 121 9.54 22.96 -1.19
CA THR B 121 10.09 23.11 0.15
C THR B 121 9.94 24.55 0.64
N LYS B 122 9.21 24.71 1.75
CA LYS B 122 8.88 26.02 2.28
C LYS B 122 8.91 26.05 3.80
N GLY B 123 9.70 26.97 4.36
CA GLY B 123 9.76 27.14 5.80
C GLY B 123 8.44 27.62 6.38
N PRO B 124 8.21 27.34 7.67
CA PRO B 124 6.94 27.67 8.32
C PRO B 124 6.86 29.12 8.78
N SER B 125 5.65 29.59 9.03
CA SER B 125 5.43 30.87 9.71
C SER B 125 5.01 30.59 11.14
N VAL B 126 5.73 31.17 12.10
CA VAL B 126 5.46 30.89 13.50
C VAL B 126 4.67 32.03 14.17
N PHE B 127 3.52 31.67 14.74
CA PHE B 127 2.69 32.62 15.45
C PHE B 127 2.49 32.21 16.90
N PRO B 128 2.63 33.16 17.83
CA PRO B 128 2.51 32.88 19.26
C PRO B 128 1.06 32.76 19.70
N LEU B 129 0.78 31.80 20.57
CA LEU B 129 -0.56 31.60 21.10
C LEU B 129 -0.62 32.12 22.54
N ALA B 130 -1.07 33.36 22.69
CA ALA B 130 -1.06 34.06 23.97
C ALA B 130 -1.96 33.40 25.01
N PRO B 131 -1.52 33.38 26.28
CA PRO B 131 -2.29 32.86 27.42
C PRO B 131 -3.50 33.72 27.72
N SER B 132 -4.59 33.09 28.16
CA SER B 132 -5.82 33.81 28.48
C SER B 132 -6.53 33.17 29.67
N THR B 140 -2.41 27.59 36.62
CA THR B 140 -2.42 26.89 35.34
C THR B 140 -2.89 27.79 34.20
N ALA B 141 -2.06 27.89 33.16
CA ALA B 141 -2.40 28.65 31.97
C ALA B 141 -1.80 27.97 30.74
N ALA B 142 -2.48 28.08 29.61
CA ALA B 142 -2.04 27.43 28.38
C ALA B 142 -1.53 28.43 27.34
N LEU B 143 -0.28 28.26 26.94
CA LEU B 143 0.31 29.09 25.88
C LEU B 143 1.03 28.20 24.89
N GLY B 144 1.14 28.64 23.63
CA GLY B 144 1.77 27.81 22.63
C GLY B 144 2.29 28.57 21.42
N CYS B 145 2.81 27.81 20.45
CA CYS B 145 3.25 28.39 19.19
C CYS B 145 2.60 27.67 18.03
N LEU B 146 2.17 28.45 17.04
CA LEU B 146 1.53 27.92 15.85
C LEU B 146 2.52 27.86 14.69
N VAL B 147 2.90 26.64 14.32
CA VAL B 147 3.82 26.41 13.21
C VAL B 147 3.01 26.20 11.93
N LYS B 148 2.95 27.23 11.10
CA LYS B 148 1.98 27.28 10.01
C LYS B 148 2.62 27.18 8.61
N ASP B 149 1.99 26.39 7.75
CA ASP B 149 2.32 26.32 6.32
C ASP B 149 3.78 25.98 6.02
N TYR B 150 4.17 24.74 6.26
CA TYR B 150 5.52 24.30 5.89
C TYR B 150 5.51 23.01 5.08
N PHE B 151 6.61 22.77 4.37
CA PHE B 151 6.78 21.55 3.58
C PHE B 151 8.26 21.31 3.32
N PRO B 152 8.70 20.05 3.45
CA PRO B 152 7.90 18.93 3.95
C PRO B 152 8.08 18.70 5.45
N GLU B 153 7.74 17.50 5.91
CA GLU B 153 8.06 17.07 7.27
C GLU B 153 9.57 16.88 7.38
N PRO B 154 10.13 17.00 8.59
CA PRO B 154 9.48 17.37 9.85
C PRO B 154 9.85 18.77 10.36
N VAL B 155 9.34 19.09 11.55
CA VAL B 155 9.78 20.26 12.31
C VAL B 155 10.04 19.86 13.75
N THR B 156 10.95 20.58 14.40
CA THR B 156 11.24 20.35 15.81
C THR B 156 10.85 21.57 16.62
N VAL B 157 10.33 21.34 17.81
CA VAL B 157 9.91 22.42 18.70
C VAL B 157 10.38 22.17 20.12
N SER B 158 11.03 23.17 20.71
CA SER B 158 11.40 23.11 22.11
C SER B 158 11.02 24.44 22.78
N TRP B 159 10.99 24.43 24.12
CA TRP B 159 10.66 25.64 24.86
C TRP B 159 11.82 26.09 25.74
N ASN B 160 12.13 27.38 25.66
CA ASN B 160 13.25 27.98 26.38
C ASN B 160 14.56 27.24 26.11
N SER B 161 14.79 26.94 24.83
CA SER B 161 15.98 26.21 24.39
C SER B 161 16.12 24.86 25.08
N GLY B 162 14.99 24.29 25.48
CA GLY B 162 14.97 22.98 26.11
C GLY B 162 14.79 23.01 27.61
N ALA B 163 14.85 24.21 28.20
CA ALA B 163 14.72 24.37 29.65
C ALA B 163 13.36 23.90 30.15
N LEU B 164 12.30 24.48 29.59
CA LEU B 164 10.94 24.10 29.94
C LEU B 164 10.56 22.80 29.23
N THR B 165 10.54 21.70 29.98
CA THR B 165 10.35 20.39 29.37
C THR B 165 9.10 19.67 29.87
N SER B 166 8.57 20.11 31.01
CA SER B 166 7.39 19.48 31.60
C SER B 166 6.12 20.26 31.28
N GLY B 167 5.02 19.54 31.10
CA GLY B 167 3.75 20.15 30.74
C GLY B 167 3.71 20.53 29.27
N VAL B 168 4.72 20.08 28.52
CA VAL B 168 4.83 20.40 27.10
C VAL B 168 4.16 19.33 26.25
N HIS B 169 3.33 19.77 25.31
CA HIS B 169 2.74 18.84 24.36
C HIS B 169 2.78 19.41 22.95
N THR B 170 3.67 18.88 22.12
CA THR B 170 3.72 19.19 20.70
C THR B 170 2.87 18.20 19.92
N PHE B 171 1.84 18.70 19.25
CA PHE B 171 0.89 17.86 18.55
C PHE B 171 1.38 17.46 17.16
N PRO B 172 0.96 16.27 16.68
CA PRO B 172 1.27 15.85 15.31
C PRO B 172 0.72 16.83 14.29
N ALA B 173 1.35 16.89 13.12
CA ALA B 173 0.97 17.87 12.11
C ALA B 173 -0.28 17.48 11.35
N VAL B 174 -0.89 18.46 10.68
CA VAL B 174 -2.03 18.20 9.82
C VAL B 174 -1.66 18.63 8.40
N LEU B 175 -2.33 18.06 7.41
CA LEU B 175 -2.08 18.42 6.03
C LEU B 175 -3.27 19.17 5.46
N GLN B 176 -3.07 20.45 5.16
CA GLN B 176 -4.13 21.30 4.65
C GLN B 176 -4.45 20.97 3.20
N SER B 177 -5.49 21.60 2.66
CA SER B 177 -5.89 21.39 1.28
C SER B 177 -4.89 22.01 0.30
N SER B 178 -4.05 22.89 0.82
CA SER B 178 -3.05 23.57 -0.01
C SER B 178 -1.83 22.69 -0.25
N GLY B 179 -1.71 21.62 0.53
CA GLY B 179 -0.57 20.73 0.41
C GLY B 179 0.53 21.04 1.40
N LEU B 180 0.30 22.05 2.23
CA LEU B 180 1.27 22.45 3.26
C LEU B 180 0.90 21.89 4.62
N TYR B 181 1.91 21.63 5.45
CA TYR B 181 1.70 21.11 6.78
C TYR B 181 1.60 22.23 7.82
N SER B 182 0.84 21.97 8.87
CA SER B 182 0.75 22.90 10.00
C SER B 182 0.82 22.13 11.32
N LEU B 183 1.37 22.78 12.35
CA LEU B 183 1.63 22.11 13.62
C LEU B 183 1.53 23.09 14.78
N SER B 184 1.18 22.57 15.96
CA SER B 184 1.11 23.41 17.15
C SER B 184 1.76 22.72 18.35
N SER B 185 2.29 23.53 19.26
CA SER B 185 2.90 23.03 20.48
C SER B 185 2.50 23.88 21.67
N VAL B 186 1.70 23.31 22.57
CA VAL B 186 1.23 24.04 23.75
C VAL B 186 1.91 23.52 25.02
N VAL B 187 2.20 24.42 25.95
CA VAL B 187 2.79 24.04 27.23
C VAL B 187 1.98 24.62 28.39
N THR B 188 1.73 23.79 29.39
CA THR B 188 0.99 24.22 30.58
C THR B 188 1.92 24.71 31.67
N VAL B 189 1.79 25.98 32.03
CA VAL B 189 2.64 26.61 33.03
C VAL B 189 1.81 27.25 34.13
N PRO B 190 2.38 27.38 35.34
CA PRO B 190 1.70 28.04 36.46
C PRO B 190 1.22 29.44 36.10
N SER B 191 -0.04 29.74 36.42
CA SER B 191 -0.67 31.00 36.07
C SER B 191 0.01 32.20 36.72
N SER B 192 0.69 31.95 37.84
CA SER B 192 1.37 33.01 38.57
C SER B 192 2.64 33.47 37.86
N SER B 193 3.26 32.56 37.13
CA SER B 193 4.52 32.85 36.44
C SER B 193 4.28 33.25 34.98
N LEU B 194 3.36 34.19 34.76
CA LEU B 194 3.08 34.66 33.41
C LEU B 194 3.72 36.04 33.17
N GLY B 195 3.65 36.90 34.18
CA GLY B 195 4.26 38.21 34.09
C GLY B 195 5.67 38.22 34.65
N THR B 196 6.23 37.02 34.82
CA THR B 196 7.56 36.86 35.39
C THR B 196 8.50 36.13 34.45
N GLN B 197 8.17 34.87 34.17
CA GLN B 197 9.01 34.03 33.32
C GLN B 197 8.80 34.34 31.84
N THR B 198 9.87 34.23 31.05
CA THR B 198 9.78 34.44 29.61
C THR B 198 9.69 33.11 28.87
N TYR B 199 8.68 32.96 28.03
CA TYR B 199 8.46 31.71 27.31
C TYR B 199 8.71 31.86 25.81
N ILE B 200 9.66 31.09 25.29
CA ILE B 200 10.00 31.14 23.87
C ILE B 200 9.98 29.75 23.25
N CYS B 201 9.24 29.59 22.16
CA CYS B 201 9.26 28.33 21.43
C CYS B 201 10.40 28.37 20.41
N ASN B 202 11.11 27.26 20.29
CA ASN B 202 12.24 27.16 19.39
C ASN B 202 11.93 26.25 18.20
N VAL B 203 11.25 26.82 17.21
CA VAL B 203 10.87 26.07 16.01
C VAL B 203 12.06 25.92 15.08
N ASN B 204 12.25 24.71 14.56
CA ASN B 204 13.35 24.44 13.66
C ASN B 204 12.89 23.55 12.51
N HIS B 205 13.02 24.05 11.28
CA HIS B 205 12.63 23.31 10.08
C HIS B 205 13.83 23.03 9.19
N LYS B 206 14.53 21.95 9.47
CA LYS B 206 15.75 21.58 8.75
C LYS B 206 15.61 21.38 7.23
N PRO B 207 14.47 20.83 6.76
CA PRO B 207 14.35 20.71 5.30
C PRO B 207 14.54 22.02 4.54
N SER B 208 14.03 23.12 5.09
CA SER B 208 14.23 24.43 4.46
C SER B 208 15.31 25.25 5.18
N ASN B 209 16.02 24.61 6.11
CA ASN B 209 17.08 25.26 6.87
C ASN B 209 16.59 26.55 7.55
N THR B 210 15.41 26.45 8.16
CA THR B 210 14.77 27.59 8.79
C THR B 210 14.74 27.42 10.31
N LYS B 211 15.03 28.51 11.03
CA LYS B 211 14.97 28.52 12.49
C LYS B 211 14.21 29.74 12.98
N VAL B 212 13.27 29.55 13.89
CA VAL B 212 12.48 30.66 14.42
C VAL B 212 12.34 30.61 15.93
N ASP B 213 12.73 31.71 16.58
CA ASP B 213 12.51 31.88 18.01
C ASP B 213 11.43 32.93 18.25
N LYS B 214 10.29 32.50 18.78
CA LYS B 214 9.19 33.43 19.02
C LYS B 214 8.76 33.42 20.49
N LYS B 215 8.68 34.62 21.07
CA LYS B 215 8.31 34.77 22.47
C LYS B 215 6.81 34.91 22.63
N VAL B 216 6.23 34.10 23.52
CA VAL B 216 4.79 34.15 23.75
C VAL B 216 4.45 35.01 24.96
N GLU B 217 3.89 36.18 24.70
CA GLU B 217 3.53 37.12 25.77
C GLU B 217 2.02 37.16 25.96
N PRO B 218 1.58 37.26 27.22
CA PRO B 218 0.14 37.35 27.52
C PRO B 218 -0.47 38.67 27.04
N LYS B 219 -1.59 38.60 26.34
CA LYS B 219 -2.25 39.78 25.82
C LYS B 219 -3.31 40.30 26.79
N SER B 220 -3.19 41.57 27.15
CA SER B 220 -4.13 42.20 28.08
C SER B 220 -5.43 42.59 27.38
N SER C 2 -12.23 -9.48 -5.81
CA SER C 2 -12.81 -9.85 -4.51
C SER C 2 -12.64 -8.73 -3.48
N ALA C 3 -13.37 -8.85 -2.38
CA ALA C 3 -13.30 -7.87 -1.30
C ALA C 3 -13.54 -8.52 0.06
N LEU C 4 -12.69 -8.20 1.02
CA LEU C 4 -12.84 -8.70 2.38
C LEU C 4 -13.28 -7.61 3.33
N THR C 5 -14.28 -7.91 4.15
CA THR C 5 -14.84 -6.92 5.06
C THR C 5 -14.43 -7.16 6.51
N GLN C 6 -13.82 -6.14 7.12
CA GLN C 6 -13.43 -6.20 8.52
C GLN C 6 -14.08 -5.08 9.30
N PRO C 7 -14.32 -5.31 10.60
CA PRO C 7 -14.75 -4.22 11.49
C PRO C 7 -13.66 -3.16 11.59
N ALA C 8 -14.03 -1.90 11.60
CA ALA C 8 -13.07 -0.81 11.60
C ALA C 8 -12.17 -0.84 12.83
N SER C 9 -12.77 -1.06 13.98
CA SER C 9 -12.03 -1.12 15.24
C SER C 9 -12.67 -2.14 16.18
N VAL C 10 -11.95 -2.46 17.25
CA VAL C 10 -12.48 -3.38 18.26
C VAL C 10 -11.73 -3.14 19.58
N SER C 11 -12.41 -3.37 20.70
CA SER C 11 -11.81 -3.12 22.01
C SER C 11 -11.80 -4.36 22.88
N GLY C 12 -10.83 -4.43 23.79
CA GLY C 12 -10.74 -5.53 24.73
C GLY C 12 -9.91 -5.16 25.94
N SER C 13 -10.24 -5.74 27.09
CA SER C 13 -9.49 -5.51 28.32
C SER C 13 -8.40 -6.58 28.47
N PRO C 14 -7.33 -6.26 29.22
CA PRO C 14 -6.22 -7.21 29.42
C PRO C 14 -6.69 -8.57 29.95
N GLY C 15 -6.18 -9.64 29.36
CA GLY C 15 -6.47 -10.99 29.83
C GLY C 15 -7.64 -11.68 29.14
N GLN C 16 -8.57 -10.90 28.59
CA GLN C 16 -9.76 -11.47 27.97
C GLN C 16 -9.53 -11.83 26.51
N SER C 17 -10.45 -12.59 25.92
CA SER C 17 -10.34 -12.99 24.53
C SER C 17 -11.19 -12.11 23.60
N ILE C 18 -10.63 -11.80 22.43
CA ILE C 18 -11.33 -10.99 21.44
C ILE C 18 -11.25 -11.66 20.06
N THR C 19 -12.27 -11.45 19.24
CA THR C 19 -12.30 -12.07 17.92
C THR C 19 -12.57 -11.04 16.82
N ILE C 20 -11.72 -11.06 15.80
CA ILE C 20 -11.85 -10.18 14.65
C ILE C 20 -12.33 -10.97 13.44
N SER C 21 -13.40 -10.50 12.81
CA SER C 21 -14.03 -11.23 11.72
C SER C 21 -13.62 -10.70 10.34
N CYS C 22 -13.60 -11.61 9.36
CA CYS C 22 -13.26 -11.26 7.99
C CYS C 22 -14.19 -12.02 7.05
N THR C 23 -15.13 -11.31 6.44
CA THR C 23 -16.15 -11.93 5.61
C THR C 23 -15.96 -11.61 4.13
N GLY C 24 -15.98 -12.64 3.29
CA GLY C 24 -15.81 -12.46 1.86
C GLY C 24 -17.13 -12.39 1.13
N THR C 25 -17.21 -11.50 0.14
CA THR C 25 -18.45 -11.26 -0.59
C THR C 25 -18.47 -11.99 -1.94
N SER C 26 -17.40 -12.72 -2.23
CA SER C 26 -17.32 -13.49 -3.46
C SER C 26 -18.00 -14.86 -3.30
N SER C 27 -17.79 -15.73 -4.28
CA SER C 27 -18.23 -17.12 -4.17
C SER C 27 -17.42 -17.80 -3.07
N ASP C 28 -18.08 -18.13 -1.97
CA ASP C 28 -17.38 -18.65 -0.80
C ASP C 28 -17.28 -20.16 -0.79
N VAL C 29 -16.04 -20.64 -0.85
CA VAL C 29 -15.75 -22.05 -0.74
C VAL C 29 -15.24 -22.35 0.67
N GLY C 30 -15.56 -23.54 1.17
CA GLY C 30 -15.07 -23.96 2.46
C GLY C 30 -13.59 -24.28 2.37
N SER C 31 -13.19 -24.88 1.25
CA SER C 31 -11.79 -25.22 1.02
C SER C 31 -10.97 -23.98 0.64
N ASN C 33 -9.46 -22.53 5.42
CA ASN C 33 -8.10 -22.35 4.93
C ASN C 33 -8.04 -21.36 3.78
N LEU C 34 -8.82 -20.29 3.90
CA LEU C 34 -8.91 -19.29 2.83
C LEU C 34 -7.96 -18.12 3.04
N VAL C 35 -7.95 -17.55 4.24
CA VAL C 35 -7.27 -16.28 4.46
C VAL C 35 -6.08 -16.37 5.40
N SER C 36 -5.23 -15.34 5.34
CA SER C 36 -4.13 -15.19 6.28
C SER C 36 -4.37 -13.96 7.16
N TRP C 37 -3.58 -13.80 8.21
CA TRP C 37 -3.73 -12.68 9.12
C TRP C 37 -2.41 -11.97 9.37
N TYR C 38 -2.46 -10.63 9.37
CA TYR C 38 -1.27 -9.82 9.57
C TYR C 38 -1.44 -8.81 10.69
N GLN C 39 -0.39 -8.66 11.49
CA GLN C 39 -0.37 -7.70 12.60
C GLN C 39 0.54 -6.52 12.25
N GLN C 40 0.03 -5.31 12.39
CA GLN C 40 0.82 -4.13 12.07
C GLN C 40 0.76 -3.06 13.16
N HIS C 41 1.85 -2.91 13.89
CA HIS C 41 1.98 -1.81 14.85
C HIS C 41 2.19 -0.51 14.08
N PRO C 42 1.77 0.63 14.66
CA PRO C 42 1.96 1.92 14.00
C PRO C 42 3.42 2.20 13.68
N GLY C 43 3.69 2.60 12.44
CA GLY C 43 5.05 2.90 12.01
C GLY C 43 5.88 1.66 11.80
N LYS C 44 5.21 0.52 11.68
CA LYS C 44 5.89 -0.75 11.50
C LYS C 44 5.34 -1.53 10.31
N ALA C 45 6.12 -2.48 9.81
CA ALA C 45 5.69 -3.34 8.72
C ALA C 45 4.77 -4.43 9.25
N PRO C 46 3.81 -4.87 8.40
CA PRO C 46 2.93 -5.99 8.76
C PRO C 46 3.71 -7.27 9.01
N LYS C 47 3.18 -8.15 9.86
CA LYS C 47 3.82 -9.41 10.17
C LYS C 47 2.80 -10.54 10.15
N LEU C 48 3.19 -11.68 9.59
CA LEU C 48 2.28 -12.83 9.45
C LEU C 48 2.01 -13.51 10.79
N MET C 49 0.74 -13.54 11.19
CA MET C 49 0.33 -14.17 12.44
C MET C 49 -0.28 -15.54 12.19
N ILE C 50 -1.17 -15.61 11.21
CA ILE C 50 -1.83 -16.84 10.83
C ILE C 50 -1.82 -17.00 9.31
N TYR C 51 -1.42 -18.16 8.82
CA TYR C 51 -1.47 -18.41 7.39
C TYR C 51 -2.31 -19.63 7.07
N GLU C 52 -2.95 -19.61 5.89
CA GLU C 52 -3.83 -20.67 5.42
C GLU C 52 -4.93 -20.97 6.45
N GLY C 53 -5.54 -19.91 6.98
CA GLY C 53 -6.71 -20.05 7.82
C GLY C 53 -6.47 -20.28 9.29
N SER C 54 -5.61 -21.25 9.62
CA SER C 54 -5.42 -21.62 11.02
C SER C 54 -3.97 -21.97 11.37
N LYS C 55 -3.13 -22.15 10.34
CA LYS C 55 -1.74 -22.50 10.59
C LYS C 55 -0.98 -21.30 11.17
N ARG C 56 -0.14 -21.56 12.16
CA ARG C 56 0.59 -20.50 12.85
C ARG C 56 2.09 -20.69 12.71
N PRO C 57 2.77 -19.70 12.11
CA PRO C 57 4.22 -19.78 11.86
C PRO C 57 5.04 -19.77 13.15
N SER C 58 6.31 -20.17 13.05
CA SER C 58 7.18 -20.22 14.21
C SER C 58 7.43 -18.84 14.82
N GLY C 59 7.36 -18.77 16.15
CA GLY C 59 7.65 -17.53 16.84
C GLY C 59 6.42 -16.72 17.16
N VAL C 60 5.29 -17.15 16.63
CA VAL C 60 4.02 -16.51 16.89
C VAL C 60 3.33 -17.18 18.07
N SER C 61 2.94 -16.39 19.07
CA SER C 61 2.35 -16.91 20.31
C SER C 61 1.08 -17.72 20.07
N ASN C 62 0.87 -18.74 20.89
CA ASN C 62 -0.27 -19.62 20.76
C ASN C 62 -1.61 -18.93 21.00
N ARG C 63 -1.56 -17.73 21.57
CA ARG C 63 -2.75 -16.94 21.85
C ARG C 63 -3.53 -16.62 20.57
N PHE C 64 -2.79 -16.45 19.47
CA PHE C 64 -3.41 -16.16 18.19
C PHE C 64 -3.84 -17.44 17.50
N SER C 65 -5.15 -17.60 17.35
CA SER C 65 -5.72 -18.79 16.72
C SER C 65 -6.65 -18.40 15.58
N GLY C 66 -6.77 -19.28 14.59
CA GLY C 66 -7.59 -18.99 13.43
C GLY C 66 -8.70 -20.00 13.21
N SER C 67 -9.86 -19.52 12.81
CA SER C 67 -11.00 -20.38 12.53
C SER C 67 -11.84 -19.78 11.41
N LYS C 68 -12.89 -20.50 11.00
CA LYS C 68 -13.74 -20.04 9.92
C LYS C 68 -15.14 -20.65 10.02
N SER C 69 -16.15 -19.86 9.70
CA SER C 69 -17.53 -20.36 9.69
C SER C 69 -18.29 -19.78 8.51
N GLY C 70 -18.60 -20.63 7.54
CA GLY C 70 -19.33 -20.21 6.35
C GLY C 70 -18.54 -19.23 5.50
N ASN C 71 -19.01 -18.00 5.46
CA ASN C 71 -18.37 -16.96 4.66
C ASN C 71 -17.45 -16.08 5.49
N THR C 72 -17.27 -16.44 6.76
CA THR C 72 -16.52 -15.61 7.69
C THR C 72 -15.31 -16.33 8.30
N ALA C 73 -14.14 -15.74 8.14
CA ALA C 73 -12.94 -16.22 8.82
C ALA C 73 -12.68 -15.33 10.03
N SER C 74 -12.09 -15.90 11.08
CA SER C 74 -11.95 -15.16 12.32
C SER C 74 -10.58 -15.35 12.96
N LEU C 75 -10.03 -14.25 13.45
CA LEU C 75 -8.80 -14.27 14.21
C LEU C 75 -9.12 -14.04 15.68
N THR C 76 -8.67 -14.95 16.53
CA THR C 76 -8.99 -14.87 17.95
C THR C 76 -7.73 -14.81 18.80
N ILE C 77 -7.62 -13.76 19.60
CA ILE C 77 -6.50 -13.59 20.52
C ILE C 77 -6.95 -13.88 21.94
N SER C 78 -6.33 -14.87 22.58
CA SER C 78 -6.80 -15.35 23.87
C SER C 78 -6.32 -14.48 25.03
N GLY C 79 -5.03 -14.56 25.36
CA GLY C 79 -4.49 -13.78 26.45
C GLY C 79 -4.11 -12.38 26.01
N LEU C 80 -5.08 -11.46 26.05
CA LEU C 80 -4.87 -10.13 25.48
C LEU C 80 -3.89 -9.30 26.31
N GLN C 81 -2.85 -8.84 25.66
CA GLN C 81 -1.82 -8.02 26.31
C GLN C 81 -1.70 -6.68 25.60
N ALA C 82 -0.99 -5.75 26.23
CA ALA C 82 -0.87 -4.39 25.70
C ALA C 82 -0.10 -4.36 24.37
N GLU C 83 0.81 -5.31 24.20
CA GLU C 83 1.61 -5.38 22.98
C GLU C 83 0.81 -5.90 21.78
N ASP C 84 -0.40 -6.38 22.04
CA ASP C 84 -1.27 -6.85 20.98
C ASP C 84 -1.98 -5.70 20.29
N GLU C 85 -1.85 -4.51 20.88
CA GLU C 85 -2.50 -3.32 20.35
C GLU C 85 -1.90 -2.93 19.00
N ALA C 86 -2.57 -3.32 17.92
CA ALA C 86 -2.11 -3.02 16.57
C ALA C 86 -3.25 -3.12 15.56
N ASP C 87 -2.90 -3.00 14.28
CA ASP C 87 -3.85 -3.20 13.20
C ASP C 87 -3.78 -4.62 12.68
N TYR C 88 -4.93 -5.23 12.47
CA TYR C 88 -4.99 -6.62 12.02
C TYR C 88 -5.69 -6.73 10.67
N TYR C 89 -4.95 -7.17 9.66
CA TYR C 89 -5.49 -7.32 8.31
C TYR C 89 -5.64 -8.79 7.94
N CYS C 90 -6.76 -9.13 7.31
CA CYS C 90 -6.95 -10.45 6.72
C CYS C 90 -6.57 -10.38 5.25
N CYS C 91 -6.05 -11.48 4.70
CA CYS C 91 -5.54 -11.48 3.34
C CYS C 91 -5.92 -12.75 2.58
N SER C 92 -6.46 -12.59 1.38
CA SER C 92 -6.78 -13.72 0.51
C SER C 92 -6.06 -13.61 -0.82
N TYR C 93 -5.59 -14.74 -1.34
CA TYR C 93 -4.84 -14.74 -2.59
C TYR C 93 -5.72 -15.11 -3.78
N ALA C 94 -6.93 -15.60 -3.51
CA ALA C 94 -7.81 -16.12 -4.56
C ALA C 94 -8.05 -15.12 -5.68
N GLY C 95 -7.60 -15.47 -6.89
CA GLY C 95 -7.70 -14.57 -8.02
C GLY C 95 -6.54 -13.59 -8.00
N SER C 96 -6.55 -12.69 -7.02
CA SER C 96 -5.48 -11.72 -6.84
C SER C 96 -5.43 -11.29 -5.38
N VAL C 97 -4.21 -11.11 -4.87
CA VAL C 97 -4.02 -10.81 -3.45
C VAL C 97 -4.77 -9.57 -3.01
N VAL C 98 -5.68 -9.75 -2.05
CA VAL C 98 -6.50 -8.68 -1.54
C VAL C 98 -6.49 -8.66 -0.02
N PHE C 99 -6.17 -7.51 0.56
CA PHE C 99 -6.17 -7.35 2.01
C PHE C 99 -7.49 -6.77 2.49
N GLY C 100 -7.87 -7.12 3.72
CA GLY C 100 -9.07 -6.56 4.32
C GLY C 100 -8.88 -5.10 4.69
N GLY C 101 -9.97 -4.44 5.04
CA GLY C 101 -9.92 -3.03 5.42
C GLY C 101 -9.06 -2.79 6.64
N GLY C 102 -8.95 -3.80 7.50
CA GLY C 102 -8.14 -3.69 8.69
C GLY C 102 -8.96 -3.40 9.92
N THR C 103 -8.58 -4.01 11.03
CA THR C 103 -9.29 -3.81 12.29
C THR C 103 -8.33 -3.26 13.35
N LYS C 104 -8.55 -2.03 13.77
CA LYS C 104 -7.72 -1.40 14.79
C LYS C 104 -8.10 -1.91 16.19
N LEU C 105 -7.32 -2.84 16.72
CA LEU C 105 -7.57 -3.38 18.05
C LEU C 105 -7.01 -2.48 19.13
N THR C 106 -7.85 -2.14 20.10
CA THR C 106 -7.42 -1.33 21.23
C THR C 106 -7.49 -2.14 22.52
N VAL C 107 -6.39 -2.18 23.27
CA VAL C 107 -6.37 -2.86 24.56
C VAL C 107 -6.59 -1.83 25.66
N LEU C 108 -7.73 -1.94 26.32
CA LEU C 108 -8.14 -0.95 27.32
C LEU C 108 -7.44 -1.16 28.66
N GLY C 109 -6.23 -0.63 28.79
CA GLY C 109 -5.47 -0.73 30.03
C GLY C 109 -5.53 0.55 30.83
N GLN C 110 -6.63 1.28 30.70
CA GLN C 110 -6.81 2.56 31.38
C GLN C 110 -8.30 2.89 31.48
N PRO C 111 -8.69 3.60 32.56
CA PRO C 111 -10.09 4.00 32.73
C PRO C 111 -10.55 5.10 31.78
N LYS C 112 -11.86 5.28 31.70
CA LYS C 112 -12.48 6.35 30.92
C LYS C 112 -11.98 7.72 31.35
N ALA C 113 -11.54 8.53 30.40
CA ALA C 113 -10.97 9.84 30.71
C ALA C 113 -11.44 10.93 29.75
N ALA C 114 -11.93 12.04 30.30
CA ALA C 114 -12.42 13.15 29.49
C ALA C 114 -11.28 14.02 28.99
N PRO C 115 -11.40 14.51 27.74
CA PRO C 115 -10.35 15.32 27.10
C PRO C 115 -10.24 16.74 27.65
N SER C 116 -9.02 17.27 27.65
CA SER C 116 -8.80 18.68 27.99
C SER C 116 -8.73 19.51 26.72
N VAL C 117 -9.68 20.43 26.56
CA VAL C 117 -9.79 21.22 25.35
C VAL C 117 -9.34 22.66 25.56
N THR C 118 -8.39 23.11 24.73
CA THR C 118 -7.93 24.49 24.75
C THR C 118 -8.05 25.12 23.36
N LEU C 119 -8.94 26.10 23.23
CA LEU C 119 -9.15 26.77 21.95
C LEU C 119 -8.42 28.10 21.88
N PHE C 120 -7.62 28.29 20.83
CA PHE C 120 -6.89 29.53 20.65
C PHE C 120 -7.50 30.39 19.55
N PRO C 121 -7.65 31.70 19.81
CA PRO C 121 -8.10 32.68 18.81
C PRO C 121 -6.98 32.99 17.81
N PRO C 122 -7.33 33.57 16.65
CA PRO C 122 -6.30 33.95 15.67
C PRO C 122 -5.26 34.88 16.27
N SER C 123 -3.99 34.61 15.98
CA SER C 123 -2.89 35.42 16.49
C SER C 123 -2.93 36.84 15.94
N SER C 124 -2.43 37.80 16.71
CA SER C 124 -2.38 39.18 16.29
C SER C 124 -1.49 39.36 15.07
N GLU C 125 -0.35 38.67 15.08
CA GLU C 125 0.60 38.77 13.97
C GLU C 125 0.09 38.05 12.73
N GLU C 126 -0.66 36.97 12.94
CA GLU C 126 -1.25 36.26 11.80
C GLU C 126 -2.32 37.11 11.15
N LEU C 127 -3.00 37.92 11.96
CA LEU C 127 -4.05 38.80 11.46
C LEU C 127 -3.48 39.88 10.54
N GLN C 128 -2.28 40.37 10.83
CA GLN C 128 -1.66 41.36 9.96
C GLN C 128 -1.10 40.68 8.71
N ALA C 129 -1.00 39.36 8.74
CA ALA C 129 -0.56 38.59 7.59
C ALA C 129 -1.76 38.29 6.68
N ASN C 130 -2.87 38.97 6.96
CA ASN C 130 -4.10 38.82 6.19
C ASN C 130 -4.64 37.38 6.20
N LYS C 131 -4.38 36.66 7.29
CA LYS C 131 -4.97 35.34 7.49
C LYS C 131 -5.43 35.16 8.93
N ALA C 132 -6.19 34.10 9.18
CA ALA C 132 -6.69 33.81 10.51
C ALA C 132 -6.90 32.31 10.72
N THR C 133 -6.42 31.81 11.85
CA THR C 133 -6.48 30.39 12.15
C THR C 133 -6.92 30.12 13.59
N LEU C 134 -7.97 29.32 13.76
CA LEU C 134 -8.42 28.86 15.06
C LEU C 134 -7.77 27.52 15.41
N VAL C 135 -7.22 27.42 16.61
CA VAL C 135 -6.48 26.23 17.00
C VAL C 135 -7.08 25.55 18.22
N CYS C 136 -7.68 24.37 18.00
CA CYS C 136 -8.28 23.60 19.07
C CYS C 136 -7.38 22.42 19.42
N LEU C 137 -6.87 22.42 20.65
CA LEU C 137 -5.95 21.38 21.10
C LEU C 137 -6.60 20.47 22.11
N ILE C 138 -6.60 19.18 21.80
CA ILE C 138 -7.27 18.17 22.61
C ILE C 138 -6.26 17.20 23.22
N SER C 139 -6.26 17.08 24.54
CA SER C 139 -5.30 16.21 25.20
C SER C 139 -5.88 15.42 26.37
N ASP C 140 -5.18 14.34 26.73
CA ASP C 140 -5.50 13.54 27.90
C ASP C 140 -6.89 12.91 27.88
N PHE C 141 -7.20 12.17 26.82
CA PHE C 141 -8.47 11.43 26.77
C PHE C 141 -8.26 9.95 26.44
N TYR C 142 -9.12 9.12 27.02
CA TYR C 142 -9.03 7.67 26.87
C TYR C 142 -10.42 7.06 26.92
N PRO C 143 -10.75 6.16 25.97
CA PRO C 143 -9.91 5.67 24.87
C PRO C 143 -9.73 6.70 23.75
N GLY C 144 -9.03 6.31 22.69
CA GLY C 144 -8.64 7.24 21.64
C GLY C 144 -9.61 7.40 20.49
N ALA C 145 -10.78 7.96 20.78
CA ALA C 145 -11.78 8.22 19.76
C ALA C 145 -12.51 9.51 20.06
N VAL C 146 -12.36 10.50 19.20
CA VAL C 146 -13.01 11.78 19.37
C VAL C 146 -13.55 12.34 18.06
N THR C 147 -14.66 13.06 18.15
CA THR C 147 -15.21 13.75 16.98
C THR C 147 -15.25 15.24 17.29
N VAL C 148 -14.70 16.04 16.38
CA VAL C 148 -14.63 17.48 16.58
C VAL C 148 -15.63 18.22 15.71
N ALA C 149 -16.37 19.13 16.32
CA ALA C 149 -17.34 19.95 15.60
C ALA C 149 -17.09 21.43 15.81
N TRP C 150 -17.12 22.20 14.73
CA TRP C 150 -16.92 23.64 14.81
C TRP C 150 -18.25 24.39 14.68
N LYS C 151 -18.34 25.53 15.35
CA LYS C 151 -19.55 26.34 15.34
C LYS C 151 -19.25 27.83 15.19
N ALA C 152 -19.87 28.46 14.21
CA ALA C 152 -19.83 29.92 14.07
C ALA C 152 -21.14 30.49 14.63
N ASP C 153 -21.04 31.13 15.78
CA ASP C 153 -22.21 31.55 16.55
C ASP C 153 -23.09 30.35 16.87
N SER C 154 -24.15 30.17 16.08
CA SER C 154 -25.02 29.01 16.23
C SER C 154 -24.89 28.06 15.04
N SER C 155 -24.21 28.53 14.00
CA SER C 155 -24.06 27.76 12.78
C SER C 155 -22.82 26.87 12.78
N PRO C 156 -22.99 25.60 12.38
CA PRO C 156 -21.86 24.67 12.26
C PRO C 156 -21.01 24.96 11.03
N VAL C 157 -19.72 24.67 11.12
CA VAL C 157 -18.80 24.92 10.01
C VAL C 157 -17.96 23.68 9.72
N LYS C 158 -17.93 23.28 8.45
CA LYS C 158 -17.12 22.14 8.04
C LYS C 158 -16.05 22.58 7.02
N ALA C 159 -16.28 23.72 6.39
CA ALA C 159 -15.32 24.26 5.42
C ALA C 159 -14.12 24.88 6.12
N GLY C 160 -12.93 24.52 5.66
CA GLY C 160 -11.70 25.04 6.25
C GLY C 160 -11.30 24.30 7.51
N VAL C 161 -11.92 23.14 7.74
CA VAL C 161 -11.63 22.33 8.91
C VAL C 161 -10.64 21.21 8.61
N GLU C 162 -9.55 21.18 9.36
CA GLU C 162 -8.57 20.09 9.27
C GLU C 162 -8.30 19.50 10.65
N THR C 163 -8.66 18.24 10.83
CA THR C 163 -8.48 17.58 12.11
C THR C 163 -7.51 16.41 12.03
N THR C 164 -6.55 16.37 12.95
CA THR C 164 -5.58 15.28 13.01
C THR C 164 -6.19 14.05 13.66
N THR C 165 -5.70 12.88 13.29
CA THR C 165 -6.11 11.63 13.92
C THR C 165 -5.55 11.58 15.34
N PRO C 166 -6.26 10.92 16.26
CA PRO C 166 -5.77 10.82 17.64
C PRO C 166 -4.46 10.05 17.73
N SER C 167 -3.46 10.66 18.38
CA SER C 167 -2.18 10.01 18.61
C SER C 167 -1.97 9.78 20.10
N LYS C 168 -1.24 8.74 20.45
CA LYS C 168 -0.99 8.41 21.85
C LYS C 168 -0.06 9.40 22.52
N GLN C 169 -0.41 9.80 23.74
CA GLN C 169 0.43 10.73 24.49
C GLN C 169 1.49 10.00 25.29
N SER C 170 2.11 10.75 26.19
CA SER C 170 3.13 10.23 27.09
C SER C 170 2.55 9.19 28.05
N ASN C 171 1.44 9.55 28.68
CA ASN C 171 0.82 8.70 29.69
C ASN C 171 -0.19 7.72 29.12
N ASN C 172 0.04 7.30 27.88
CA ASN C 172 -0.88 6.41 27.16
C ASN C 172 -2.28 7.00 27.02
N LYS C 173 -2.41 8.30 27.30
CA LYS C 173 -3.61 9.04 26.93
C LYS C 173 -3.50 9.34 25.45
N TYR C 174 -4.59 9.84 24.87
CA TYR C 174 -4.59 10.19 23.45
C TYR C 174 -4.69 11.70 23.27
N ALA C 175 -4.26 12.18 22.11
CA ALA C 175 -4.28 13.60 21.81
C ALA C 175 -4.66 13.84 20.36
N ALA C 176 -5.37 14.95 20.13
CA ALA C 176 -5.75 15.35 18.78
C ALA C 176 -5.78 16.86 18.68
N SER C 177 -5.84 17.36 17.46
CA SER C 177 -5.94 18.80 17.24
C SER C 177 -6.76 19.10 16.00
N SER C 178 -7.57 20.15 16.07
CA SER C 178 -8.38 20.54 14.93
C SER C 178 -8.12 22.01 14.59
N TYR C 179 -8.02 22.30 13.29
CA TYR C 179 -7.74 23.65 12.83
C TYR C 179 -8.87 24.19 11.96
N LEU C 180 -9.29 25.42 12.24
CA LEU C 180 -10.29 26.09 11.41
C LEU C 180 -9.69 27.33 10.77
N SER C 181 -9.26 27.20 9.52
CA SER C 181 -8.70 28.32 8.78
C SER C 181 -9.79 29.31 8.41
N LEU C 182 -9.62 30.56 8.83
CA LEU C 182 -10.64 31.57 8.67
C LEU C 182 -10.14 32.79 7.92
N THR C 183 -11.04 33.45 7.21
CA THR C 183 -10.74 34.72 6.56
C THR C 183 -10.78 35.81 7.63
N PRO C 184 -9.81 36.74 7.61
CA PRO C 184 -9.72 37.80 8.63
C PRO C 184 -10.98 38.67 8.71
N GLU C 185 -11.79 38.65 7.66
CA GLU C 185 -13.05 39.38 7.66
C GLU C 185 -14.17 38.50 8.20
N GLN C 186 -13.91 37.20 8.24
CA GLN C 186 -14.90 36.21 8.69
C GLN C 186 -14.88 36.04 10.20
N TRP C 187 -13.68 36.15 10.78
CA TRP C 187 -13.46 35.91 12.20
C TRP C 187 -14.09 36.98 13.08
N LYS C 188 -13.92 38.24 12.69
CA LYS C 188 -14.45 39.38 13.43
C LYS C 188 -15.91 39.64 13.05
N SER C 189 -16.39 38.97 12.00
CA SER C 189 -17.78 39.13 11.58
C SER C 189 -18.76 38.32 12.42
N HIS C 190 -18.24 37.45 13.27
CA HIS C 190 -19.10 36.62 14.10
C HIS C 190 -18.93 36.94 15.58
N ARG C 191 -19.99 36.70 16.36
CA ARG C 191 -19.97 36.95 17.79
C ARG C 191 -18.99 36.03 18.51
N SER C 192 -19.03 34.75 18.18
CA SER C 192 -18.15 33.76 18.82
C SER C 192 -17.90 32.55 17.93
N TYR C 193 -16.82 31.84 18.22
CA TYR C 193 -16.50 30.57 17.57
C TYR C 193 -16.30 29.47 18.60
N SER C 194 -16.84 28.29 18.34
CA SER C 194 -16.81 27.22 19.32
C SER C 194 -16.13 25.95 18.79
N CYS C 195 -15.36 25.30 19.66
CA CYS C 195 -14.76 24.01 19.33
C CYS C 195 -15.36 22.92 20.22
N GLN C 196 -16.19 22.08 19.62
CA GLN C 196 -16.90 21.03 20.36
C GLN C 196 -16.23 19.69 20.16
N VAL C 197 -15.83 19.05 21.26
CA VAL C 197 -15.10 17.78 21.20
C VAL C 197 -15.87 16.66 21.89
N THR C 198 -16.53 15.81 21.09
CA THR C 198 -17.30 14.69 21.62
C THR C 198 -16.43 13.48 21.91
N HIS C 199 -16.36 13.08 23.18
CA HIS C 199 -15.60 11.90 23.57
C HIS C 199 -16.42 11.00 24.49
N GLU C 200 -16.60 9.76 24.06
CA GLU C 200 -17.28 8.73 24.86
C GLU C 200 -18.69 9.15 25.29
N GLY C 201 -19.33 10.01 24.49
CA GLY C 201 -20.72 10.36 24.73
C GLY C 201 -20.94 11.72 25.35
N SER C 202 -19.86 12.37 25.76
CA SER C 202 -19.93 13.70 26.37
C SER C 202 -18.90 14.63 25.75
N THR C 203 -19.30 15.87 25.50
CA THR C 203 -18.43 16.82 24.82
C THR C 203 -17.98 17.98 25.69
N VAL C 204 -16.69 18.28 25.62
CA VAL C 204 -16.16 19.50 26.21
C VAL C 204 -16.13 20.59 25.14
N GLU C 205 -16.72 21.74 25.45
CA GLU C 205 -16.84 22.81 24.47
C GLU C 205 -16.20 24.10 24.95
N LYS C 206 -15.28 24.62 24.14
CA LYS C 206 -14.64 25.90 24.42
C LYS C 206 -15.01 26.94 23.36
N THR C 207 -15.03 28.20 23.77
CA THR C 207 -15.48 29.27 22.89
C THR C 207 -14.55 30.48 22.97
N VAL C 208 -14.33 31.15 21.84
CA VAL C 208 -13.53 32.37 21.80
C VAL C 208 -14.26 33.48 21.05
N ALA C 209 -13.89 34.73 21.36
CA ALA C 209 -14.57 35.88 20.77
C ALA C 209 -13.56 36.88 20.19
N PRO C 210 -13.92 37.52 19.07
CA PRO C 210 -13.10 38.51 18.36
C PRO C 210 -12.65 39.70 19.21
N THR C 211 -13.35 39.97 20.31
CA THR C 211 -12.91 41.02 21.24
C THR C 211 -12.49 40.39 22.56
N GLU C 212 -11.56 39.44 22.47
CA GLU C 212 -11.07 38.68 23.63
C GLU C 212 -12.21 38.03 24.42
#